data_2QZI
#
_entry.id   2QZI
#
_cell.length_a   150.783
_cell.length_b   150.783
_cell.length_c   103.247
_cell.angle_alpha   90.00
_cell.angle_beta   90.00
_cell.angle_gamma   120.00
#
_symmetry.space_group_name_H-M   'P 64 2 2'
#
loop_
_entity.id
_entity.type
_entity.pdbx_description
1 polymer 'Uncharacterized protein'
2 non-polymer 'SODIUM ION'
3 non-polymer 1,2-ETHANEDIOL
4 water water
#
_entity_poly.entity_id   1
_entity_poly.type   'polypeptide(L)'
_entity_poly.pdbx_seq_one_letter_code
;SNA(MSE)KLINTTWTHQELVNNQLDNTDAFLVETYSAGNTDVVFTQAPKHYELLISNKHRAVKDNELEVIREFFLKRKI
DKDIVL(MSE)DKLRTVHTDKLIEISFPTTV
;
_entity_poly.pdbx_strand_id   A,B,C,D
#
loop_
_chem_comp.id
_chem_comp.type
_chem_comp.name
_chem_comp.formula
EDO non-polymer 1,2-ETHANEDIOL 'C2 H6 O2'
NA non-polymer 'SODIUM ION' 'Na 1'
#
# COMPACT_ATOMS: atom_id res chain seq x y z
N ALA A 3 26.29 -6.26 21.21
CA ALA A 3 25.58 -6.22 19.90
C ALA A 3 24.27 -7.06 19.85
N MSE A 4 23.50 -6.87 18.78
CA MSE A 4 22.17 -7.45 18.67
C MSE A 4 22.15 -8.93 18.26
O MSE A 4 22.65 -9.32 17.16
CB MSE A 4 21.31 -6.60 17.71
CG MSE A 4 19.98 -7.18 17.41
SE MSE A 4 20.14 -8.73 16.24
CE MSE A 4 20.24 -7.83 14.44
N LYS A 5 21.56 -9.74 19.13
CA LYS A 5 21.40 -11.15 18.83
C LYS A 5 19.93 -11.48 18.48
N LEU A 6 19.75 -12.48 17.62
CA LEU A 6 18.45 -13.08 17.28
C LEU A 6 18.04 -14.01 18.42
N ILE A 7 16.87 -13.76 18.99
CA ILE A 7 16.29 -14.52 20.11
C ILE A 7 15.04 -15.25 19.48
N ASN A 8 15.03 -16.59 19.54
CA ASN A 8 13.85 -17.38 19.21
C ASN A 8 12.69 -17.07 20.17
N THR A 9 11.59 -16.50 19.68
CA THR A 9 10.46 -16.12 20.58
C THR A 9 9.19 -16.98 20.21
N THR A 10 9.38 -18.07 19.42
CA THR A 10 8.29 -18.98 19.01
C THR A 10 7.36 -19.42 20.16
N TRP A 11 7.94 -19.81 21.31
CA TRP A 11 7.16 -20.23 22.43
C TRP A 11 6.06 -19.24 22.87
N THR A 12 6.22 -17.94 22.61
CA THR A 12 5.18 -17.00 23.04
C THR A 12 4.53 -16.42 21.79
N HIS A 13 4.55 -17.12 20.65
CA HIS A 13 3.83 -16.67 19.48
C HIS A 13 3.02 -17.85 18.91
N GLN A 14 2.33 -18.55 19.79
CA GLN A 14 1.68 -19.80 19.43
C GLN A 14 0.40 -19.62 18.64
N GLU A 15 -0.29 -18.50 18.85
CA GLU A 15 -1.43 -18.12 18.01
C GLU A 15 -1.00 -17.92 16.56
N LEU A 16 -0.01 -17.06 16.38
CA LEU A 16 0.45 -16.73 15.07
C LEU A 16 1.04 -17.98 14.37
N VAL A 17 1.83 -18.75 15.11
CA VAL A 17 2.45 -19.97 14.58
C VAL A 17 1.37 -20.90 14.03
N ASN A 18 0.39 -21.23 14.88
CA ASN A 18 -0.73 -22.02 14.41
C ASN A 18 -1.63 -21.43 13.31
N ASN A 19 -1.85 -20.12 13.32
CA ASN A 19 -2.68 -19.48 12.28
C ASN A 19 -2.04 -19.70 10.90
N GLN A 20 -0.71 -19.53 10.85
CA GLN A 20 0.11 -19.66 9.65
C GLN A 20 0.27 -21.12 9.22
N LEU A 21 0.46 -22.05 10.18
CA LEU A 21 0.46 -23.47 9.83
C LEU A 21 -0.87 -23.95 9.24
N ASP A 22 -1.98 -23.59 9.88
CA ASP A 22 -3.29 -24.10 9.48
C ASP A 22 -3.84 -23.53 8.19
N ASN A 23 -3.40 -22.34 7.81
CA ASN A 23 -4.06 -21.58 6.74
C ASN A 23 -3.12 -21.20 5.64
N THR A 24 -1.94 -21.77 5.64
CA THR A 24 -0.90 -21.41 4.71
C THR A 24 -0.17 -22.68 4.30
N ASP A 25 0.62 -22.61 3.23
CA ASP A 25 1.47 -23.74 2.81
C ASP A 25 2.69 -23.99 3.72
N ALA A 26 2.94 -23.07 4.66
CA ALA A 26 4.04 -23.26 5.61
C ALA A 26 3.84 -24.55 6.40
N PHE A 27 4.88 -25.37 6.51
CA PHE A 27 4.92 -26.47 7.51
C PHE A 27 5.90 -26.20 8.69
N LEU A 28 6.67 -25.13 8.55
CA LEU A 28 7.44 -24.65 9.71
CA LEU A 28 7.47 -24.62 9.71
C LEU A 28 7.25 -23.14 9.83
N VAL A 29 6.99 -22.69 11.04
CA VAL A 29 6.81 -21.28 11.36
C VAL A 29 7.52 -20.98 12.67
N GLU A 30 8.43 -20.02 12.61
CA GLU A 30 9.12 -19.60 13.81
C GLU A 30 9.18 -18.08 13.88
N THR A 31 9.19 -17.54 15.08
CA THR A 31 9.35 -16.10 15.24
C THR A 31 10.59 -15.75 16.05
N TYR A 32 11.21 -14.60 15.73
CA TYR A 32 12.43 -14.12 16.43
C TYR A 32 12.37 -12.61 16.59
N SER A 33 12.94 -12.15 17.70
CA SER A 33 13.35 -10.78 17.93
C SER A 33 14.80 -10.54 17.49
N ALA A 34 15.05 -9.33 17.03
CA ALA A 34 16.38 -8.83 16.74
C ALA A 34 16.32 -7.42 17.36
N GLY A 35 16.41 -7.34 18.70
CA GLY A 35 16.18 -6.08 19.42
C GLY A 35 14.69 -5.74 19.33
N ASN A 36 14.33 -4.58 18.78
CA ASN A 36 12.90 -4.26 18.58
C ASN A 36 12.34 -4.57 17.18
N THR A 37 13.21 -5.13 16.34
CA THR A 37 12.84 -5.71 15.07
C THR A 37 12.27 -7.12 15.23
N ASP A 38 11.18 -7.40 14.50
CA ASP A 38 10.54 -8.71 14.58
C ASP A 38 10.72 -9.51 13.29
N VAL A 39 10.93 -10.81 13.44
CA VAL A 39 11.22 -11.67 12.33
C VAL A 39 10.26 -12.83 12.46
N VAL A 40 9.70 -13.16 11.31
CA VAL A 40 8.89 -14.39 11.09
C VAL A 40 9.62 -15.22 10.06
N PHE A 41 9.89 -16.48 10.37
CA PHE A 41 10.59 -17.39 9.46
C PHE A 41 9.71 -18.61 9.18
N THR A 42 9.57 -18.97 7.91
CA THR A 42 8.78 -20.14 7.49
C THR A 42 9.46 -20.97 6.39
N GLN A 43 9.13 -22.27 6.33
CA GLN A 43 9.47 -23.18 5.26
C GLN A 43 8.18 -23.81 4.79
N ALA A 44 8.04 -23.98 3.46
CA ALA A 44 6.90 -24.56 2.77
C ALA A 44 7.50 -25.30 1.54
N PRO A 45 6.74 -26.22 0.91
CA PRO A 45 7.28 -26.71 -0.35
C PRO A 45 7.65 -25.52 -1.25
N LYS A 46 8.85 -25.56 -1.83
CA LYS A 46 9.24 -24.68 -2.93
C LYS A 46 9.79 -23.34 -2.39
N HIS A 47 9.66 -23.05 -1.08
CA HIS A 47 10.20 -21.79 -0.64
C HIS A 47 10.32 -21.64 0.87
N TYR A 48 11.39 -21.00 1.31
CA TYR A 48 11.47 -20.46 2.67
C TYR A 48 11.10 -18.97 2.59
N GLU A 49 10.65 -18.36 3.70
CA GLU A 49 10.29 -16.95 3.71
C GLU A 49 10.87 -16.29 4.94
N LEU A 50 11.36 -15.04 4.85
CA LEU A 50 11.63 -14.27 6.10
C LEU A 50 10.83 -12.97 5.95
N LEU A 51 10.09 -12.65 6.99
CA LEU A 51 9.38 -11.34 7.14
C LEU A 51 9.98 -10.54 8.29
N ILE A 52 10.52 -9.38 7.95
CA ILE A 52 11.33 -8.57 8.87
C ILE A 52 10.68 -7.18 8.91
N SER A 53 10.31 -6.78 10.11
CA SER A 53 9.54 -5.57 10.29
C SER A 53 9.87 -4.92 11.63
N ASN A 54 9.56 -3.64 11.75
CA ASN A 54 9.85 -2.89 12.95
C ASN A 54 8.82 -1.81 13.20
N LYS A 55 7.91 -2.00 14.14
CA LYS A 55 6.80 -1.07 14.39
C LYS A 55 7.19 0.41 14.46
N HIS A 56 8.36 0.70 15.05
CA HIS A 56 8.79 2.08 15.36
C HIS A 56 9.56 2.80 14.23
N ARG A 57 10.36 2.06 13.48
CA ARG A 57 11.34 2.68 12.59
C ARG A 57 11.52 1.84 11.36
N ALA A 58 12.19 2.41 10.37
CA ALA A 58 12.63 1.65 9.21
C ALA A 58 13.67 0.62 9.66
N VAL A 59 13.66 -0.56 9.06
CA VAL A 59 14.75 -1.50 9.30
C VAL A 59 15.97 -1.18 8.45
N LYS A 60 17.09 -1.03 9.15
CA LYS A 60 18.38 -0.63 8.56
C LYS A 60 19.01 -1.73 7.70
N ASP A 61 19.85 -1.33 6.76
CA ASP A 61 20.53 -2.27 5.85
C ASP A 61 21.45 -3.32 6.50
N ASN A 62 22.20 -2.92 7.53
CA ASN A 62 23.11 -3.83 8.23
C ASN A 62 22.38 -4.86 9.11
N GLU A 63 21.27 -4.43 9.69
CA GLU A 63 20.32 -5.28 10.33
C GLU A 63 19.77 -6.37 9.40
N LEU A 64 19.38 -5.97 8.18
CA LEU A 64 18.85 -6.89 7.20
C LEU A 64 19.91 -7.93 6.95
N GLU A 65 21.15 -7.48 6.76
CA GLU A 65 22.28 -8.34 6.37
C GLU A 65 22.66 -9.37 7.46
N VAL A 66 22.66 -8.92 8.71
CA VAL A 66 22.88 -9.77 9.86
C VAL A 66 21.77 -10.81 10.00
N ILE A 67 20.53 -10.42 9.73
CA ILE A 67 19.40 -11.33 9.94
C ILE A 67 19.39 -12.39 8.84
N ARG A 68 19.68 -11.92 7.65
CA ARG A 68 19.68 -12.80 6.49
CA ARG A 68 19.74 -12.75 6.45
C ARG A 68 20.80 -13.82 6.63
N GLU A 69 21.99 -13.37 7.06
CA GLU A 69 23.12 -14.28 7.10
C GLU A 69 22.98 -15.27 8.29
N PHE A 70 22.29 -14.88 9.36
CA PHE A 70 21.93 -15.78 10.46
C PHE A 70 21.06 -16.94 9.99
N PHE A 71 20.02 -16.65 9.21
CA PHE A 71 19.12 -17.72 8.70
C PHE A 71 19.82 -18.62 7.72
N LEU A 72 20.63 -18.03 6.87
CA LEU A 72 21.34 -18.76 5.83
C LEU A 72 22.36 -19.68 6.46
N LYS A 73 22.94 -19.26 7.56
CA LYS A 73 23.96 -20.04 8.19
C LYS A 73 23.35 -21.12 9.05
N ARG A 74 22.21 -20.83 9.68
CA ARG A 74 21.72 -21.66 10.78
C ARG A 74 20.43 -22.47 10.47
N LYS A 75 19.60 -21.96 9.56
CA LYS A 75 18.20 -22.40 9.51
C LYS A 75 17.81 -22.92 8.18
N ILE A 76 18.51 -22.50 7.12
CA ILE A 76 18.12 -22.76 5.79
C ILE A 76 19.05 -23.81 5.14
N ASP A 77 18.50 -24.81 4.45
CA ASP A 77 19.38 -25.84 3.93
C ASP A 77 19.77 -25.30 2.53
N LYS A 78 21.01 -24.83 2.35
CA LYS A 78 21.35 -24.08 1.14
C LYS A 78 21.48 -25.03 -0.07
N ASP A 79 21.71 -26.28 0.24
CA ASP A 79 21.81 -27.26 -0.76
C ASP A 79 20.53 -27.35 -1.68
N ILE A 80 19.34 -27.10 -1.11
CA ILE A 80 18.08 -27.13 -1.88
C ILE A 80 17.60 -25.73 -2.29
N VAL A 81 18.29 -24.68 -1.83
CA VAL A 81 17.88 -23.36 -2.19
C VAL A 81 18.47 -22.91 -3.48
N LEU A 82 17.65 -22.19 -4.22
CA LEU A 82 18.01 -21.59 -5.48
C LEU A 82 18.64 -20.18 -5.18
N MSE A 83 19.93 -20.20 -4.87
CA MSE A 83 20.63 -19.05 -4.37
C MSE A 83 20.79 -17.94 -5.37
O MSE A 83 21.05 -16.82 -4.97
CB MSE A 83 22.00 -19.45 -3.81
CG MSE A 83 22.35 -18.67 -2.53
SE MSE A 83 21.41 -19.31 -0.97
CE MSE A 83 21.63 -21.12 -1.68
N ASP A 84 20.63 -18.25 -6.67
CA ASP A 84 20.59 -17.22 -7.66
C ASP A 84 19.16 -16.70 -7.87
N LYS A 85 18.17 -17.15 -7.09
CA LYS A 85 16.75 -16.75 -7.38
C LYS A 85 16.14 -16.08 -6.15
N LEU A 86 16.98 -15.62 -5.24
CA LEU A 86 16.49 -14.90 -4.04
C LEU A 86 15.72 -13.63 -4.46
N ARG A 87 14.62 -13.34 -3.75
CA ARG A 87 13.77 -12.18 -4.05
C ARG A 87 13.51 -11.36 -2.82
N THR A 88 13.82 -10.07 -2.85
CA THR A 88 13.73 -9.27 -1.61
C THR A 88 12.80 -8.10 -1.90
N VAL A 89 11.70 -8.02 -1.15
CA VAL A 89 10.75 -6.95 -1.36
C VAL A 89 10.88 -5.96 -0.19
N HIS A 90 11.26 -4.73 -0.52
CA HIS A 90 11.44 -3.68 0.45
CA HIS A 90 11.43 -3.69 0.48
C HIS A 90 10.25 -2.71 0.40
N THR A 91 9.48 -2.67 1.48
CA THR A 91 8.51 -1.59 1.68
C THR A 91 8.80 -0.86 2.99
N ASP A 92 7.90 0.06 3.27
CA ASP A 92 8.05 1.12 4.24
C ASP A 92 8.50 0.51 5.57
N LYS A 93 7.77 -0.41 6.13
CA LYS A 93 8.34 -0.96 7.36
C LYS A 93 8.47 -2.47 7.34
N LEU A 94 8.59 -3.01 6.12
CA LEU A 94 8.53 -4.42 5.92
C LEU A 94 9.52 -4.89 4.85
N ILE A 95 10.30 -5.90 5.20
CA ILE A 95 11.14 -6.59 4.27
C ILE A 95 10.78 -8.08 4.24
N GLU A 96 10.63 -8.55 3.02
CA GLU A 96 10.20 -9.89 2.65
C GLU A 96 11.29 -10.51 1.79
N ILE A 97 11.92 -11.55 2.32
CA ILE A 97 12.90 -12.31 1.54
C ILE A 97 12.38 -13.70 1.22
N SER A 98 12.35 -14.06 -0.06
CA SER A 98 11.89 -15.37 -0.50
C SER A 98 13.07 -16.15 -0.95
N PHE A 99 13.13 -17.41 -0.53
CA PHE A 99 14.21 -18.29 -0.88
C PHE A 99 13.59 -19.52 -1.60
N PRO A 100 13.58 -19.51 -2.94
CA PRO A 100 13.01 -20.70 -3.62
C PRO A 100 13.84 -21.98 -3.37
N THR A 101 13.20 -23.14 -3.48
CA THR A 101 13.88 -24.38 -3.23
C THR A 101 13.51 -25.36 -4.29
N THR A 102 14.37 -26.36 -4.52
CA THR A 102 14.07 -27.43 -5.44
C THR A 102 12.82 -28.22 -5.01
N VAL A 103 12.77 -28.61 -3.75
CA VAL A 103 11.75 -29.50 -3.24
C VAL A 103 10.59 -28.70 -2.64
N ALA B 3 32.65 7.28 -11.57
CA ALA B 3 32.23 5.95 -12.09
C ALA B 3 31.08 6.07 -13.11
N MSE B 4 29.85 6.17 -12.58
CA MSE B 4 28.61 5.98 -13.36
C MSE B 4 28.24 7.09 -14.37
O MSE B 4 28.69 8.24 -14.26
CB MSE B 4 27.43 5.71 -12.42
CG MSE B 4 26.98 4.26 -12.36
SE MSE B 4 25.03 4.21 -12.56
CE MSE B 4 24.73 5.73 -13.82
N LYS B 5 27.45 6.74 -15.37
CA LYS B 5 26.99 7.70 -16.36
C LYS B 5 25.77 7.19 -17.12
N LEU B 6 24.61 7.64 -16.67
CA LEU B 6 23.35 7.28 -17.29
C LEU B 6 23.22 8.02 -18.62
N ILE B 7 23.03 7.28 -19.70
CA ILE B 7 22.73 7.92 -20.95
C ILE B 7 21.35 7.62 -21.52
N ASN B 8 20.66 8.64 -22.03
CA ASN B 8 19.24 8.49 -22.42
C ASN B 8 19.28 7.76 -23.75
N THR B 9 18.60 6.63 -23.89
CA THR B 9 18.69 5.87 -25.12
C THR B 9 17.31 5.85 -25.81
N THR B 10 16.41 6.71 -25.31
CA THR B 10 15.01 6.69 -25.72
C THR B 10 14.87 6.78 -27.27
N TRP B 11 15.67 7.62 -27.92
CA TRP B 11 15.51 7.92 -29.36
C TRP B 11 15.84 6.70 -30.21
N THR B 12 16.47 5.65 -29.64
CA THR B 12 16.82 4.44 -30.42
C THR B 12 16.06 3.23 -29.88
N HIS B 13 15.03 3.46 -29.03
CA HIS B 13 14.18 2.38 -28.53
C HIS B 13 12.76 2.76 -28.79
N GLN B 14 12.48 3.22 -29.99
CA GLN B 14 11.14 3.63 -30.33
C GLN B 14 10.13 2.50 -30.36
N GLU B 15 10.56 1.30 -30.73
CA GLU B 15 9.66 0.19 -30.69
C GLU B 15 9.22 -0.11 -29.25
N LEU B 16 10.15 -0.30 -28.35
CA LEU B 16 9.78 -0.55 -26.95
C LEU B 16 8.97 0.61 -26.41
N VAL B 17 9.38 1.85 -26.64
CA VAL B 17 8.65 3.00 -26.07
C VAL B 17 7.15 3.04 -26.52
N ASN B 18 6.93 2.92 -27.79
CA ASN B 18 5.57 2.84 -28.29
C ASN B 18 4.76 1.60 -27.98
N ASN B 19 5.37 0.44 -27.97
CA ASN B 19 4.66 -0.71 -27.47
C ASN B 19 4.15 -0.48 -26.04
N GLN B 20 4.95 0.12 -25.19
CA GLN B 20 4.51 0.38 -23.81
C GLN B 20 3.42 1.47 -23.77
N LEU B 21 3.59 2.57 -24.53
CA LEU B 21 2.61 3.62 -24.50
C LEU B 21 1.32 3.15 -25.16
N ASP B 22 1.40 2.36 -26.21
CA ASP B 22 0.18 1.88 -26.87
C ASP B 22 -0.60 0.83 -26.03
N ASN B 23 0.06 0.11 -25.14
CA ASN B 23 -0.57 -1.12 -24.63
C ASN B 23 -0.68 -1.15 -23.10
N THR B 24 -0.19 -0.11 -22.43
CA THR B 24 -0.28 -0.06 -20.98
C THR B 24 -0.73 1.34 -20.54
N ASP B 25 -0.83 1.53 -19.20
CA ASP B 25 -1.27 2.80 -18.66
C ASP B 25 -0.19 3.90 -18.67
N ALA B 26 1.04 3.55 -19.07
CA ALA B 26 2.16 4.54 -19.14
C ALA B 26 1.87 5.61 -20.16
N PHE B 27 2.08 6.89 -19.80
CA PHE B 27 1.97 7.93 -20.87
C PHE B 27 3.34 8.54 -21.14
N LEU B 28 4.32 8.10 -20.37
CA LEU B 28 5.70 8.52 -20.51
C LEU B 28 6.54 7.26 -20.34
N VAL B 29 7.42 7.02 -21.31
CA VAL B 29 8.29 5.87 -21.37
C VAL B 29 9.65 6.30 -21.85
N GLU B 30 10.67 6.12 -21.02
CA GLU B 30 12.05 6.49 -21.40
C GLU B 30 12.99 5.34 -21.10
N THR B 31 14.02 5.23 -21.92
CA THR B 31 15.03 4.22 -21.65
C THR B 31 16.39 4.88 -21.49
N TYR B 32 17.23 4.27 -20.63
CA TYR B 32 18.59 4.69 -20.38
C TYR B 32 19.51 3.49 -20.28
N SER B 33 20.81 3.76 -20.34
CA SER B 33 21.89 2.79 -20.17
C SER B 33 22.97 3.38 -19.32
N ALA B 34 23.48 2.58 -18.37
CA ALA B 34 24.71 2.89 -17.62
C ALA B 34 25.62 1.70 -17.88
N GLY B 35 26.49 1.80 -18.86
CA GLY B 35 27.27 0.64 -19.30
C GLY B 35 26.38 -0.46 -19.84
N ASN B 36 26.60 -1.69 -19.36
CA ASN B 36 25.67 -2.79 -19.67
C ASN B 36 24.45 -2.90 -18.79
N THR B 37 24.26 -1.96 -17.85
CA THR B 37 22.95 -1.89 -17.14
C THR B 37 21.83 -1.14 -17.92
N ASP B 38 20.63 -1.73 -18.03
CA ASP B 38 19.52 -1.07 -18.73
C ASP B 38 18.54 -0.51 -17.72
N VAL B 39 17.99 0.64 -18.06
CA VAL B 39 16.98 1.32 -17.24
C VAL B 39 15.76 1.65 -18.15
N VAL B 40 14.58 1.29 -17.65
CA VAL B 40 13.32 1.80 -18.19
C VAL B 40 12.66 2.65 -17.08
N PHE B 41 12.27 3.87 -17.44
CA PHE B 41 11.50 4.74 -16.60
C PHE B 41 10.09 5.00 -17.19
N THR B 42 9.05 4.82 -16.36
CA THR B 42 7.69 5.13 -16.82
C THR B 42 6.91 5.98 -15.78
N GLN B 43 6.01 6.80 -16.32
CA GLN B 43 4.89 7.45 -15.62
C GLN B 43 3.51 7.07 -16.22
N ALA B 44 2.56 6.75 -15.34
CA ALA B 44 1.17 6.43 -15.63
C ALA B 44 0.35 7.16 -14.57
N PRO B 45 -0.95 7.27 -14.77
CA PRO B 45 -1.75 7.76 -13.64
C PRO B 45 -1.53 6.87 -12.39
N LYS B 46 -1.20 7.47 -11.25
CA LYS B 46 -1.16 6.77 -9.99
C LYS B 46 0.18 6.12 -9.66
N HIS B 47 1.09 6.07 -10.63
CA HIS B 47 2.45 5.57 -10.29
C HIS B 47 3.55 5.82 -11.39
N TYR B 48 4.76 6.07 -10.89
CA TYR B 48 5.95 5.90 -11.69
C TYR B 48 6.55 4.51 -11.46
N GLU B 49 7.31 4.04 -12.43
CA GLU B 49 8.08 2.78 -12.32
C GLU B 49 9.51 2.97 -12.83
N LEU B 50 10.50 2.38 -12.14
CA LEU B 50 11.89 2.25 -12.62
C LEU B 50 12.21 0.76 -12.72
N LEU B 51 12.75 0.33 -13.89
CA LEU B 51 13.18 -1.08 -14.09
C LEU B 51 14.67 -1.00 -14.33
N ILE B 52 15.46 -1.67 -13.52
CA ILE B 52 16.91 -1.61 -13.64
C ILE B 52 17.39 -3.06 -13.70
N SER B 53 18.07 -3.40 -14.78
CA SER B 53 18.49 -4.77 -15.07
C SER B 53 19.85 -4.84 -15.75
N ASN B 54 20.49 -6.02 -15.69
CA ASN B 54 21.75 -6.26 -16.38
C ASN B 54 21.74 -7.75 -16.73
N LYS B 55 21.93 -8.05 -18.03
CA LYS B 55 21.90 -9.41 -18.55
C LYS B 55 23.19 -10.19 -18.19
N HIS B 56 24.24 -9.43 -17.86
CA HIS B 56 25.59 -9.93 -17.79
C HIS B 56 26.05 -10.15 -16.37
N ARG B 57 25.51 -9.38 -15.43
CA ARG B 57 25.97 -9.49 -14.04
C ARG B 57 24.92 -8.93 -13.09
N ALA B 58 25.08 -9.16 -11.81
CA ALA B 58 24.24 -8.51 -10.81
C ALA B 58 24.31 -6.96 -10.87
N VAL B 59 23.17 -6.29 -10.71
CA VAL B 59 23.14 -4.84 -10.52
C VAL B 59 23.83 -4.50 -9.19
N LYS B 60 24.76 -3.54 -9.19
CA LYS B 60 25.45 -3.26 -7.90
C LYS B 60 24.60 -2.32 -7.02
N ASP B 61 24.86 -2.31 -5.71
CA ASP B 61 24.15 -1.42 -4.77
C ASP B 61 24.34 0.03 -5.16
N ASN B 62 25.57 0.36 -5.57
CA ASN B 62 25.97 1.67 -6.03
CA ASN B 62 25.90 1.73 -5.99
C ASN B 62 25.21 2.14 -7.28
N GLU B 63 25.07 1.25 -8.25
CA GLU B 63 24.26 1.61 -9.39
C GLU B 63 22.81 1.86 -9.00
N LEU B 64 22.21 0.96 -8.24
CA LEU B 64 20.84 1.13 -7.74
C LEU B 64 20.64 2.53 -7.11
N GLU B 65 21.48 2.84 -6.12
CA GLU B 65 21.44 4.10 -5.41
C GLU B 65 21.50 5.34 -6.28
N VAL B 66 22.55 5.42 -7.08
CA VAL B 66 22.80 6.49 -8.00
C VAL B 66 21.65 6.63 -9.04
N ILE B 67 21.20 5.54 -9.63
CA ILE B 67 20.06 5.62 -10.55
C ILE B 67 18.80 6.07 -9.82
N ARG B 68 18.50 5.47 -8.66
CA ARG B 68 17.22 5.73 -7.99
C ARG B 68 17.15 7.22 -7.56
N GLU B 69 18.24 7.73 -6.98
CA GLU B 69 18.33 9.14 -6.53
C GLU B 69 18.32 10.17 -7.66
N PHE B 70 18.96 9.86 -8.78
CA PHE B 70 18.85 10.74 -9.96
C PHE B 70 17.38 10.88 -10.40
N PHE B 71 16.65 9.78 -10.48
CA PHE B 71 15.27 9.89 -10.88
C PHE B 71 14.43 10.62 -9.82
N LEU B 72 14.63 10.37 -8.53
CA LEU B 72 13.92 11.13 -7.54
C LEU B 72 14.29 12.61 -7.55
N LYS B 73 15.54 12.92 -7.85
CA LYS B 73 15.96 14.29 -7.80
C LYS B 73 15.52 15.01 -9.02
N ARG B 74 15.44 14.32 -10.14
CA ARG B 74 15.33 15.04 -11.38
C ARG B 74 14.09 14.79 -12.20
N LYS B 75 13.44 13.63 -12.07
CA LYS B 75 12.46 13.18 -13.05
C LYS B 75 11.06 13.01 -12.50
N ILE B 76 10.99 12.85 -11.18
CA ILE B 76 9.77 12.43 -10.51
C ILE B 76 9.18 13.63 -9.76
N ASP B 77 7.87 13.84 -9.93
CA ASP B 77 7.21 15.03 -9.40
C ASP B 77 6.96 14.78 -7.93
N LYS B 78 7.69 15.52 -7.10
CA LYS B 78 7.68 15.15 -5.73
C LYS B 78 6.48 15.67 -4.97
N ASP B 79 5.82 16.65 -5.55
CA ASP B 79 4.51 17.03 -5.11
C ASP B 79 3.46 15.95 -5.15
N ILE B 80 3.50 15.04 -6.14
CA ILE B 80 2.48 13.98 -6.23
C ILE B 80 2.96 12.60 -5.70
N VAL B 81 4.25 12.46 -5.42
CA VAL B 81 4.82 11.16 -5.14
C VAL B 81 4.53 10.82 -3.65
N LEU B 82 4.17 9.57 -3.38
CA LEU B 82 3.75 9.11 -2.08
C LEU B 82 4.95 8.35 -1.49
N MSE B 83 5.89 9.08 -0.91
CA MSE B 83 7.16 8.50 -0.45
C MSE B 83 7.02 7.41 0.59
O MSE B 83 7.84 6.49 0.65
CB MSE B 83 8.11 9.59 0.11
CG MSE B 83 8.57 10.57 -0.99
SE MSE B 83 9.51 9.68 -2.48
CE MSE B 83 10.39 11.36 -2.99
N ASP B 84 6.01 7.48 1.43
CA ASP B 84 5.62 6.45 2.37
CA ASP B 84 5.80 6.37 2.35
C ASP B 84 5.19 5.14 1.67
N LYS B 85 4.98 5.19 0.37
CA LYS B 85 4.45 3.99 -0.27
C LYS B 85 5.42 3.35 -1.28
N LEU B 86 6.71 3.68 -1.17
CA LEU B 86 7.72 3.16 -2.14
C LEU B 86 7.82 1.63 -2.06
N ARG B 87 8.05 1.00 -3.19
CA ARG B 87 8.17 -0.45 -3.15
C ARG B 87 9.33 -0.89 -4.07
N THR B 88 10.28 -1.65 -3.52
CA THR B 88 11.45 -2.05 -4.29
C THR B 88 11.45 -3.58 -4.30
N VAL B 89 11.45 -4.16 -5.48
CA VAL B 89 11.51 -5.62 -5.52
C VAL B 89 12.88 -5.94 -6.12
N HIS B 90 13.69 -6.65 -5.35
CA HIS B 90 15.06 -6.84 -5.77
C HIS B 90 15.27 -8.30 -6.14
N THR B 91 15.77 -8.57 -7.34
CA THR B 91 16.48 -9.84 -7.60
C THR B 91 17.87 -9.41 -8.17
N ASP B 92 18.79 -10.35 -8.34
CA ASP B 92 20.17 -9.96 -8.69
C ASP B 92 20.28 -9.16 -9.99
N LYS B 93 19.58 -9.60 -11.03
CA LYS B 93 19.73 -8.90 -12.32
C LYS B 93 18.56 -8.03 -12.71
N LEU B 94 17.54 -7.93 -11.85
CA LEU B 94 16.38 -7.06 -12.11
C LEU B 94 15.89 -6.41 -10.82
N ILE B 95 15.80 -5.09 -10.81
CA ILE B 95 15.20 -4.39 -9.67
C ILE B 95 14.05 -3.55 -10.19
N GLU B 96 12.91 -3.63 -9.50
CA GLU B 96 11.69 -2.89 -9.91
C GLU B 96 11.40 -1.93 -8.75
N ILE B 97 11.31 -0.62 -9.00
CA ILE B 97 10.93 0.33 -7.92
C ILE B 97 9.62 0.99 -8.35
N SER B 98 8.66 1.00 -7.43
CA SER B 98 7.36 1.57 -7.80
C SER B 98 7.18 2.76 -6.93
N PHE B 99 6.78 3.88 -7.55
CA PHE B 99 6.54 5.11 -6.78
C PHE B 99 5.09 5.50 -6.99
N PRO B 100 4.18 5.11 -6.07
CA PRO B 100 2.77 5.53 -6.16
C PRO B 100 2.61 7.09 -6.05
N THR B 101 1.59 7.62 -6.73
CA THR B 101 1.34 9.04 -6.80
C THR B 101 -0.11 9.29 -6.42
N THR B 102 -0.42 10.49 -5.92
CA THR B 102 -1.77 10.84 -5.53
C THR B 102 -2.75 10.74 -6.73
N VAL B 103 -2.26 11.03 -7.92
CA VAL B 103 -3.11 11.14 -9.07
C VAL B 103 -2.33 10.56 -10.29
N ALA C 3 -7.91 32.52 9.42
CA ALA C 3 -8.14 31.06 9.15
C ALA C 3 -8.15 30.67 7.66
N MSE C 4 -8.36 29.37 7.45
CA MSE C 4 -7.94 28.73 6.24
C MSE C 4 -9.01 28.84 5.16
O MSE C 4 -10.21 28.75 5.43
CB MSE C 4 -7.55 27.27 6.53
CG MSE C 4 -6.95 26.55 5.35
SE MSE C 4 -8.41 25.79 4.26
CE MSE C 4 -8.70 24.13 5.38
N LYS C 5 -8.55 29.11 3.95
CA LYS C 5 -9.37 28.87 2.80
C LYS C 5 -8.58 28.25 1.65
N LEU C 6 -9.34 27.72 0.71
CA LEU C 6 -8.83 27.14 -0.48
C LEU C 6 -8.34 28.23 -1.45
N ILE C 7 -7.11 28.07 -1.92
CA ILE C 7 -6.58 28.89 -2.98
C ILE C 7 -6.44 27.96 -4.17
N ASN C 8 -6.97 28.39 -5.31
CA ASN C 8 -6.85 27.72 -6.61
C ASN C 8 -5.42 27.90 -7.09
N THR C 9 -4.70 26.79 -7.30
CA THR C 9 -3.26 26.81 -7.66
C THR C 9 -3.03 26.22 -9.04
N THR C 10 -4.11 25.97 -9.73
CA THR C 10 -4.08 25.27 -11.00
C THR C 10 -3.01 25.84 -11.97
N TRP C 11 -2.88 27.17 -12.06
CA TRP C 11 -1.94 27.81 -12.99
C TRP C 11 -0.47 27.44 -12.70
N THR C 12 -0.18 27.08 -11.44
CA THR C 12 1.19 26.73 -11.04
C THR C 12 1.46 25.23 -11.27
N HIS C 13 0.47 24.44 -11.76
CA HIS C 13 0.59 22.98 -11.91
C HIS C 13 0.12 22.47 -13.28
N GLN C 14 0.58 23.11 -14.38
CA GLN C 14 0.05 22.87 -15.70
C GLN C 14 0.45 21.51 -16.30
N GLU C 15 1.67 21.12 -16.01
CA GLU C 15 2.13 19.76 -16.17
C GLU C 15 1.16 18.71 -15.62
N LEU C 16 0.98 18.67 -14.30
CA LEU C 16 -0.01 17.79 -13.65
C LEU C 16 -1.37 17.82 -14.41
N VAL C 17 -1.93 19.02 -14.56
CA VAL C 17 -3.25 19.24 -15.13
C VAL C 17 -3.36 18.66 -16.54
N ASN C 18 -2.37 18.89 -17.40
CA ASN C 18 -2.44 18.39 -18.78
C ASN C 18 -2.19 16.92 -18.90
N ASN C 19 -1.29 16.39 -18.04
CA ASN C 19 -1.09 14.95 -17.93
C ASN C 19 -2.41 14.20 -17.62
N GLN C 20 -3.15 14.71 -16.65
CA GLN C 20 -4.44 14.22 -16.15
C GLN C 20 -5.55 14.44 -17.14
N LEU C 21 -5.66 15.65 -17.68
CA LEU C 21 -6.56 15.82 -18.87
C LEU C 21 -6.26 14.92 -20.06
N ASP C 22 -4.98 14.83 -20.42
CA ASP C 22 -4.69 14.06 -21.68
C ASP C 22 -4.80 12.54 -21.54
N ASN C 23 -4.66 12.04 -20.30
CA ASN C 23 -4.52 10.62 -20.11
C ASN C 23 -5.57 9.97 -19.22
N THR C 24 -6.57 10.73 -18.80
CA THR C 24 -7.68 10.16 -18.05
C THR C 24 -9.01 10.64 -18.65
N ASP C 25 -10.11 10.11 -18.12
CA ASP C 25 -11.45 10.54 -18.56
C ASP C 25 -11.77 11.94 -18.02
N ALA C 26 -10.93 12.56 -17.13
CA ALA C 26 -11.21 13.96 -16.73
C ALA C 26 -11.28 14.95 -17.91
N PHE C 27 -12.23 15.90 -17.93
CA PHE C 27 -12.16 17.03 -18.84
C PHE C 27 -11.96 18.30 -18.02
N LEU C 28 -12.03 18.20 -16.70
CA LEU C 28 -11.70 19.31 -15.82
CA LEU C 28 -11.72 19.31 -15.81
C LEU C 28 -10.81 18.81 -14.68
N VAL C 29 -9.67 19.48 -14.51
CA VAL C 29 -8.68 19.10 -13.55
C VAL C 29 -8.18 20.41 -12.91
N GLU C 30 -8.37 20.56 -11.62
CA GLU C 30 -7.87 21.72 -10.89
C GLU C 30 -7.11 21.30 -9.64
N THR C 31 -6.20 22.15 -9.17
CA THR C 31 -5.47 21.92 -7.88
C THR C 31 -5.72 23.12 -6.97
N TYR C 32 -5.84 22.85 -5.68
CA TYR C 32 -5.97 23.87 -4.65
C TYR C 32 -5.06 23.56 -3.49
N SER C 33 -4.62 24.58 -2.78
CA SER C 33 -4.04 24.34 -1.45
C SER C 33 -5.09 24.66 -0.37
N ALA C 34 -4.99 23.98 0.76
CA ALA C 34 -5.83 24.27 1.90
C ALA C 34 -4.81 24.29 3.01
N GLY C 35 -4.15 25.43 3.20
CA GLY C 35 -2.94 25.49 4.03
C GLY C 35 -1.89 24.64 3.31
N ASN C 36 -1.21 23.78 4.06
CA ASN C 36 -0.21 22.88 3.51
C ASN C 36 -0.78 21.52 3.17
N THR C 37 -2.11 21.42 3.12
CA THR C 37 -2.78 20.26 2.55
C THR C 37 -3.05 20.58 1.08
N ASP C 38 -2.84 19.59 0.21
CA ASP C 38 -3.06 19.72 -1.23
C ASP C 38 -4.28 18.99 -1.67
N VAL C 39 -4.93 19.53 -2.68
CA VAL C 39 -6.22 19.04 -3.16
C VAL C 39 -6.15 18.95 -4.68
N VAL C 40 -6.54 17.83 -5.27
CA VAL C 40 -6.73 17.81 -6.70
C VAL C 40 -8.23 17.59 -6.84
N PHE C 41 -8.87 18.36 -7.73
CA PHE C 41 -10.30 18.25 -8.00
C PHE C 41 -10.51 17.92 -9.49
N THR C 42 -11.26 16.88 -9.79
CA THR C 42 -11.56 16.65 -11.19
C THR C 42 -13.05 16.39 -11.49
N GLN C 43 -13.42 16.50 -12.80
CA GLN C 43 -14.72 16.04 -13.30
C GLN C 43 -14.50 15.28 -14.60
N ALA C 44 -15.16 14.13 -14.67
CA ALA C 44 -15.25 13.28 -15.85
C ALA C 44 -16.74 12.94 -16.11
N PRO C 45 -17.08 12.36 -17.30
CA PRO C 45 -18.40 11.78 -17.39
C PRO C 45 -18.56 10.82 -16.20
N LYS C 46 -19.64 11.01 -15.43
CA LYS C 46 -20.09 10.07 -14.38
C LYS C 46 -19.48 10.21 -12.97
N HIS C 47 -18.50 11.08 -12.80
CA HIS C 47 -17.96 11.31 -11.48
C HIS C 47 -17.15 12.58 -11.38
N TYR C 48 -17.30 13.24 -10.25
CA TYR C 48 -16.26 14.14 -9.80
C TYR C 48 -15.38 13.35 -8.85
N GLU C 49 -14.14 13.84 -8.66
CA GLU C 49 -13.22 13.32 -7.66
C GLU C 49 -12.51 14.45 -6.88
N LEU C 50 -12.28 14.20 -5.62
CA LEU C 50 -11.42 15.03 -4.80
C LEU C 50 -10.32 14.15 -4.27
N LEU C 51 -9.08 14.61 -4.33
CA LEU C 51 -7.99 13.88 -3.69
C LEU C 51 -7.37 14.86 -2.73
N ILE C 52 -7.32 14.49 -1.47
CA ILE C 52 -6.88 15.40 -0.46
C ILE C 52 -5.71 14.72 0.21
N SER C 53 -4.57 15.39 0.29
CA SER C 53 -3.41 14.77 0.94
C SER C 53 -2.53 15.80 1.57
N ASN C 54 -1.67 15.30 2.41
CA ASN C 54 -0.72 16.12 3.10
C ASN C 54 0.56 15.31 3.22
N LYS C 55 1.70 15.90 2.83
CA LYS C 55 2.98 15.19 2.84
C LYS C 55 3.53 14.92 4.22
N HIS C 56 3.25 15.83 5.17
CA HIS C 56 3.96 15.88 6.47
C HIS C 56 3.13 15.39 7.67
N ARG C 57 1.81 15.34 7.52
CA ARG C 57 0.94 15.00 8.68
C ARG C 57 -0.39 14.41 8.24
N ALA C 58 -1.15 13.96 9.24
CA ALA C 58 -2.51 13.46 9.06
C ALA C 58 -3.45 14.58 8.55
N VAL C 59 -4.35 14.26 7.61
CA VAL C 59 -5.44 15.18 7.29
C VAL C 59 -6.44 15.06 8.43
N LYS C 60 -6.81 16.19 9.02
CA LYS C 60 -7.77 16.27 10.15
C LYS C 60 -9.24 16.16 9.72
N ASP C 61 -10.09 15.59 10.57
CA ASP C 61 -11.52 15.36 10.26
C ASP C 61 -12.27 16.64 9.86
N ASN C 62 -11.92 17.71 10.58
CA ASN C 62 -12.57 19.01 10.45
CA ASN C 62 -12.58 18.98 10.40
C ASN C 62 -12.07 19.81 9.24
N GLU C 63 -10.78 19.69 8.93
CA GLU C 63 -10.26 20.18 7.62
C GLU C 63 -10.77 19.33 6.45
N LEU C 64 -10.97 18.05 6.67
CA LEU C 64 -11.64 17.25 5.63
C LEU C 64 -13.02 17.86 5.32
N GLU C 65 -13.78 18.13 6.39
CA GLU C 65 -15.12 18.72 6.36
C GLU C 65 -15.22 20.05 5.62
N VAL C 66 -14.40 21.01 6.05
CA VAL C 66 -14.23 22.31 5.41
C VAL C 66 -14.02 22.17 3.88
N ILE C 67 -13.09 21.29 3.48
CA ILE C 67 -12.79 21.08 2.05
C ILE C 67 -13.94 20.37 1.33
N ARG C 68 -14.46 19.32 1.95
CA ARG C 68 -15.54 18.61 1.29
C ARG C 68 -16.68 19.60 1.10
N GLU C 69 -16.99 20.40 2.14
CA GLU C 69 -18.12 21.31 1.97
C GLU C 69 -17.94 22.43 0.95
N PHE C 70 -16.70 22.95 0.84
CA PHE C 70 -16.42 24.05 -0.07
C PHE C 70 -16.65 23.62 -1.53
N PHE C 71 -16.30 22.39 -1.88
CA PHE C 71 -16.57 21.86 -3.23
C PHE C 71 -18.06 21.55 -3.46
N LEU C 72 -18.72 20.95 -2.47
CA LEU C 72 -20.18 20.76 -2.51
C LEU C 72 -20.98 22.02 -2.69
N LYS C 73 -20.51 23.13 -2.10
CA LYS C 73 -21.17 24.44 -2.20
C LYS C 73 -20.78 25.24 -3.42
N ARG C 74 -19.54 25.08 -3.91
CA ARG C 74 -19.06 26.08 -4.84
C ARG C 74 -18.63 25.57 -6.19
N LYS C 75 -18.42 24.26 -6.30
CA LYS C 75 -17.68 23.67 -7.43
C LYS C 75 -18.47 22.50 -8.05
N ILE C 76 -19.26 21.82 -7.23
CA ILE C 76 -19.96 20.62 -7.69
C ILE C 76 -21.45 20.94 -7.88
N ASP C 77 -22.01 20.49 -8.99
CA ASP C 77 -23.47 20.65 -9.25
C ASP C 77 -24.18 19.46 -8.57
N LYS C 78 -24.77 19.72 -7.40
CA LYS C 78 -25.37 18.67 -6.56
C LYS C 78 -26.58 18.03 -7.30
N ASP C 79 -27.13 18.79 -8.24
CA ASP C 79 -28.23 18.29 -9.05
C ASP C 79 -27.92 17.06 -9.88
N ILE C 80 -26.67 16.90 -10.31
CA ILE C 80 -26.30 15.72 -11.08
C ILE C 80 -25.66 14.60 -10.23
N VAL C 81 -25.39 14.86 -8.96
CA VAL C 81 -24.68 13.88 -8.17
C VAL C 81 -25.63 12.91 -7.45
N LEU C 82 -25.30 11.63 -7.58
CA LEU C 82 -25.95 10.58 -6.82
C LEU C 82 -25.50 10.67 -5.35
N MSE C 83 -26.16 11.54 -4.61
CA MSE C 83 -25.73 11.99 -3.33
C MSE C 83 -25.82 10.95 -2.21
O MSE C 83 -25.33 11.19 -1.11
CB MSE C 83 -26.50 13.24 -2.92
CG MSE C 83 -25.70 14.13 -1.97
SE MSE C 83 -24.54 15.26 -3.05
CE MSE C 83 -26.12 16.12 -3.83
N ASP C 84 -26.47 9.83 -2.47
CA ASP C 84 -26.39 8.71 -1.53
C ASP C 84 -25.38 7.65 -1.99
N LYS C 85 -24.67 7.93 -3.09
CA LYS C 85 -23.70 6.97 -3.62
C LYS C 85 -22.24 7.47 -3.50
N LEU C 86 -22.02 8.51 -2.67
CA LEU C 86 -20.67 9.00 -2.42
C LEU C 86 -19.75 7.94 -1.76
N ARG C 87 -18.51 7.90 -2.20
CA ARG C 87 -17.54 6.96 -1.75
C ARG C 87 -16.30 7.71 -1.24
N THR C 88 -15.94 7.44 0.01
CA THR C 88 -14.81 8.10 0.67
C THR C 88 -13.83 7.03 1.11
N VAL C 89 -12.61 7.09 0.58
CA VAL C 89 -11.52 6.15 0.89
C VAL C 89 -10.52 6.94 1.76
N HIS C 90 -10.42 6.50 2.99
CA HIS C 90 -9.64 7.23 3.95
CA HIS C 90 -9.66 7.19 4.00
C HIS C 90 -8.39 6.41 4.30
N THR C 91 -7.24 7.03 4.10
CA THR C 91 -5.98 6.64 4.82
C THR C 91 -5.50 7.92 5.58
N ASP C 92 -4.65 7.78 6.60
CA ASP C 92 -4.16 8.94 7.43
C ASP C 92 -3.80 10.17 6.56
N LYS C 93 -2.75 10.03 5.74
CA LYS C 93 -2.23 11.08 4.85
C LYS C 93 -3.00 11.27 3.55
N LEU C 94 -4.04 10.50 3.29
CA LEU C 94 -4.68 10.63 1.93
C LEU C 94 -6.13 10.23 1.92
N ILE C 95 -7.00 11.16 1.51
CA ILE C 95 -8.43 10.91 1.41
C ILE C 95 -8.94 11.07 -0.02
N GLU C 96 -9.71 10.10 -0.52
CA GLU C 96 -10.26 10.20 -1.88
C GLU C 96 -11.78 10.15 -1.81
N ILE C 97 -12.45 11.10 -2.44
CA ILE C 97 -13.92 11.11 -2.41
C ILE C 97 -14.36 11.11 -3.85
N SER C 98 -15.18 10.12 -4.21
CA SER C 98 -15.80 10.03 -5.52
C SER C 98 -17.26 10.47 -5.41
N PHE C 99 -17.67 11.36 -6.33
CA PHE C 99 -19.06 11.85 -6.46
C PHE C 99 -19.64 11.32 -7.77
N PRO C 100 -20.36 10.18 -7.72
CA PRO C 100 -20.96 9.65 -8.94
C PRO C 100 -22.04 10.62 -9.44
N THR C 101 -22.14 10.77 -10.75
CA THR C 101 -23.09 11.70 -11.35
C THR C 101 -23.88 10.94 -12.37
N THR C 102 -24.99 11.54 -12.84
CA THR C 102 -25.92 10.92 -13.74
C THR C 102 -25.50 11.23 -15.17
N VAL C 103 -24.67 12.26 -15.30
CA VAL C 103 -24.22 12.69 -16.58
C VAL C 103 -22.68 12.82 -16.57
N LEU D 6 -22.09 -3.48 22.84
CA LEU D 6 -21.16 -4.13 21.86
C LEU D 6 -20.98 -5.62 22.14
N ILE D 7 -21.97 -6.44 21.78
CA ILE D 7 -21.90 -7.90 22.10
C ILE D 7 -21.67 -8.88 20.93
N ASN D 8 -20.98 -9.98 21.25
CA ASN D 8 -20.70 -11.09 20.34
C ASN D 8 -21.98 -11.84 19.91
N THR D 9 -22.21 -11.85 18.60
CA THR D 9 -23.40 -12.48 18.03
C THR D 9 -23.08 -13.60 17.03
N THR D 10 -21.84 -14.05 16.98
CA THR D 10 -21.39 -15.13 16.08
C THR D 10 -22.27 -16.37 16.15
N TRP D 11 -22.44 -16.90 17.37
CA TRP D 11 -23.13 -18.18 17.63
C TRP D 11 -24.45 -18.36 16.86
N THR D 12 -25.23 -17.27 16.73
CA THR D 12 -26.48 -17.29 15.95
C THR D 12 -26.22 -17.38 14.43
N HIS D 13 -25.34 -16.51 13.92
CA HIS D 13 -24.98 -16.37 12.49
C HIS D 13 -24.02 -17.46 11.97
N GLN D 14 -24.45 -18.71 11.87
CA GLN D 14 -23.55 -19.78 11.43
C GLN D 14 -23.44 -19.89 9.91
N GLU D 15 -24.59 -20.02 9.25
CA GLU D 15 -24.72 -19.94 7.80
C GLU D 15 -23.92 -18.77 7.22
N LEU D 16 -23.98 -17.64 7.92
CA LEU D 16 -23.36 -16.40 7.45
C LEU D 16 -21.93 -16.14 8.03
N VAL D 17 -21.52 -16.98 8.98
CA VAL D 17 -20.11 -17.15 9.40
C VAL D 17 -19.40 -18.19 8.51
N ASN D 18 -20.04 -19.36 8.33
CA ASN D 18 -19.55 -20.43 7.45
C ASN D 18 -19.27 -20.02 6.01
N ASN D 19 -20.15 -19.17 5.46
CA ASN D 19 -20.00 -18.68 4.10
C ASN D 19 -18.67 -17.97 3.85
N GLN D 20 -18.25 -17.11 4.80
CA GLN D 20 -17.00 -16.28 4.69
C GLN D 20 -15.70 -17.04 5.03
N LEU D 21 -15.81 -18.07 5.86
CA LEU D 21 -14.77 -19.12 6.01
C LEU D 21 -14.57 -19.90 4.71
N ASP D 22 -15.68 -20.47 4.20
CA ASP D 22 -15.78 -21.14 2.89
C ASP D 22 -15.21 -20.33 1.71
N ASN D 23 -15.96 -19.30 1.29
CA ASN D 23 -15.70 -18.65 0.00
C ASN D 23 -14.64 -17.56 -0.05
N THR D 24 -14.45 -16.85 1.06
CA THR D 24 -13.40 -15.82 1.12
C THR D 24 -12.05 -16.40 1.67
N ASP D 25 -10.99 -15.57 1.71
CA ASP D 25 -9.69 -16.05 2.19
C ASP D 25 -9.60 -16.21 3.74
N ALA D 26 -10.57 -15.61 4.45
CA ALA D 26 -10.70 -15.60 5.93
C ALA D 26 -10.53 -16.93 6.66
N PHE D 27 -10.14 -16.85 7.93
CA PHE D 27 -10.17 -18.00 8.79
C PHE D 27 -10.85 -17.71 10.13
N LEU D 28 -11.13 -16.43 10.37
CA LEU D 28 -11.83 -16.01 11.59
C LEU D 28 -12.94 -15.08 11.19
N VAL D 29 -14.19 -15.58 11.26
CA VAL D 29 -15.37 -14.77 10.97
C VAL D 29 -16.18 -14.70 12.25
N GLU D 30 -16.39 -13.48 12.76
CA GLU D 30 -17.20 -13.25 13.97
C GLU D 30 -18.14 -12.10 13.64
N THR D 31 -19.35 -12.16 14.20
CA THR D 31 -20.28 -11.05 14.02
C THR D 31 -20.59 -10.42 15.41
N TYR D 32 -20.97 -9.13 15.37
CA TYR D 32 -21.26 -8.31 16.54
C TYR D 32 -22.42 -7.34 16.30
N SER D 33 -23.10 -6.98 17.40
CA SER D 33 -24.04 -5.88 17.40
C SER D 33 -23.53 -4.82 18.36
N ALA D 34 -23.55 -3.56 17.92
CA ALA D 34 -23.27 -2.40 18.78
C ALA D 34 -24.58 -1.85 19.34
N GLY D 35 -25.67 -2.16 18.63
CA GLY D 35 -27.02 -1.76 18.93
C GLY D 35 -27.84 -2.51 17.90
N ASN D 36 -28.40 -1.78 16.93
CA ASN D 36 -28.82 -2.42 15.67
C ASN D 36 -27.90 -2.10 14.49
N THR D 37 -26.72 -1.55 14.78
CA THR D 37 -25.61 -1.63 13.79
C THR D 37 -24.91 -2.97 14.02
N ASP D 38 -24.75 -3.71 12.93
CA ASP D 38 -23.98 -4.95 12.96
C ASP D 38 -22.57 -4.76 12.40
N VAL D 39 -21.68 -5.53 12.98
CA VAL D 39 -20.26 -5.43 12.74
C VAL D 39 -19.84 -6.88 12.43
N VAL D 40 -19.37 -7.11 11.20
CA VAL D 40 -18.73 -8.37 10.81
C VAL D 40 -17.20 -8.21 11.00
N PHE D 41 -16.61 -9.12 11.76
CA PHE D 41 -15.17 -9.09 12.07
C PHE D 41 -14.45 -10.32 11.49
N THR D 42 -13.49 -10.12 10.59
CA THR D 42 -12.76 -11.27 10.07
C THR D 42 -11.23 -11.08 10.24
N GLN D 43 -10.46 -12.18 10.25
CA GLN D 43 -8.99 -12.22 9.99
C GLN D 43 -8.65 -13.34 8.97
N ALA D 44 -7.92 -12.95 7.94
CA ALA D 44 -7.40 -13.85 6.91
C ALA D 44 -5.89 -13.64 6.93
N PRO D 45 -5.08 -14.51 6.22
CA PRO D 45 -3.68 -14.16 6.10
C PRO D 45 -3.54 -12.87 5.26
N LYS D 46 -2.70 -11.96 5.77
CA LYS D 46 -2.37 -10.65 5.19
C LYS D 46 -3.36 -9.47 5.45
N HIS D 47 -4.47 -9.72 6.19
CA HIS D 47 -5.49 -8.69 6.54
C HIS D 47 -6.63 -9.07 7.52
N TYR D 48 -6.85 -8.23 8.53
CA TYR D 48 -8.10 -8.18 9.28
C TYR D 48 -9.09 -7.29 8.46
N GLU D 49 -10.40 -7.47 8.69
CA GLU D 49 -11.46 -6.62 8.10
C GLU D 49 -12.59 -6.34 9.11
N LEU D 50 -13.14 -5.15 9.04
CA LEU D 50 -14.33 -4.84 9.82
C LEU D 50 -15.32 -4.33 8.79
N LEU D 51 -16.52 -4.92 8.80
CA LEU D 51 -17.66 -4.48 7.96
C LEU D 51 -18.71 -4.02 8.94
N ILE D 52 -19.19 -2.81 8.74
CA ILE D 52 -20.05 -2.13 9.68
C ILE D 52 -21.17 -1.49 8.87
N SER D 53 -22.40 -1.86 9.23
CA SER D 53 -23.60 -1.36 8.54
C SER D 53 -24.83 -1.50 9.42
N ASN D 54 -25.76 -0.58 9.20
CA ASN D 54 -27.04 -0.59 9.90
C ASN D 54 -28.17 -0.77 8.90
N LYS D 55 -29.22 -1.44 9.38
CA LYS D 55 -30.45 -1.63 8.61
C LYS D 55 -31.12 -0.28 8.28
N HIS D 56 -31.64 0.39 9.31
CA HIS D 56 -32.34 1.67 9.17
C HIS D 56 -31.52 2.74 8.46
N ARG D 57 -30.41 3.16 9.08
CA ARG D 57 -29.69 4.36 8.65
C ARG D 57 -28.18 4.16 8.54
N ALA D 58 -27.47 5.24 8.21
CA ALA D 58 -26.01 5.21 8.16
C ALA D 58 -25.44 5.21 9.58
N VAL D 59 -24.25 4.65 9.75
CA VAL D 59 -23.55 4.68 11.04
C VAL D 59 -22.62 5.90 11.11
N LYS D 60 -22.57 6.54 12.29
CA LYS D 60 -21.92 7.86 12.42
C LYS D 60 -20.47 7.83 12.94
N ASP D 61 -19.73 8.89 12.60
CA ASP D 61 -18.27 9.05 12.81
C ASP D 61 -17.80 9.31 14.25
N ASN D 62 -18.32 8.53 15.19
CA ASN D 62 -17.92 8.58 16.60
C ASN D 62 -18.44 7.32 17.28
N GLU D 63 -19.60 6.87 16.81
CA GLU D 63 -20.02 5.50 16.98
C GLU D 63 -19.03 4.62 16.24
N LEU D 64 -18.45 5.15 15.15
CA LEU D 64 -17.37 4.48 14.41
C LEU D 64 -16.14 4.24 15.30
N GLU D 65 -15.49 5.33 15.71
CA GLU D 65 -14.26 5.38 16.51
C GLU D 65 -14.23 4.57 17.81
N VAL D 66 -15.37 4.00 18.20
CA VAL D 66 -15.46 3.16 19.41
C VAL D 66 -15.68 1.68 19.05
N ILE D 67 -16.14 1.41 17.82
CA ILE D 67 -16.12 0.02 17.33
C ILE D 67 -14.71 -0.32 16.85
N ARG D 68 -14.09 0.62 16.13
CA ARG D 68 -12.71 0.46 15.66
C ARG D 68 -11.68 0.41 16.81
N GLU D 69 -12.03 1.01 17.94
CA GLU D 69 -11.16 1.04 19.11
C GLU D 69 -11.20 -0.31 19.83
N PHE D 70 -12.40 -0.90 19.87
CA PHE D 70 -12.67 -2.20 20.51
C PHE D 70 -11.80 -3.35 19.99
N PHE D 71 -11.80 -3.53 18.67
CA PHE D 71 -11.05 -4.62 18.01
C PHE D 71 -9.53 -4.51 18.13
N LEU D 72 -9.02 -3.27 18.08
CA LEU D 72 -7.62 -2.94 18.44
C LEU D 72 -7.30 -3.25 19.91
N LYS D 73 -8.26 -2.94 20.80
CA LYS D 73 -8.09 -3.16 22.23
C LYS D 73 -8.02 -4.65 22.55
N ARG D 74 -9.06 -5.39 22.15
CA ARG D 74 -9.23 -6.79 22.56
C ARG D 74 -8.64 -7.81 21.59
N LYS D 75 -9.09 -7.76 20.34
CA LYS D 75 -8.93 -8.93 19.47
C LYS D 75 -8.28 -8.73 18.08
N ILE D 76 -7.58 -7.61 17.88
CA ILE D 76 -6.66 -7.54 16.73
C ILE D 76 -5.21 -7.85 17.17
N ASP D 77 -4.72 -9.03 16.78
CA ASP D 77 -3.31 -9.39 16.96
C ASP D 77 -2.56 -8.22 16.37
N LYS D 78 -2.13 -7.32 17.26
CA LYS D 78 -1.42 -6.11 16.85
C LYS D 78 0.08 -6.34 16.89
N ASP D 79 0.49 -7.57 16.67
CA ASP D 79 1.87 -7.79 16.35
C ASP D 79 2.14 -7.86 14.86
N ILE D 80 1.08 -8.09 14.11
CA ILE D 80 1.22 -8.38 12.70
C ILE D 80 0.54 -7.31 11.90
N VAL D 81 -0.22 -6.44 12.56
CA VAL D 81 -0.89 -5.40 11.85
C VAL D 81 -0.03 -4.12 11.73
N LEU D 82 -0.09 -3.56 10.52
CA LEU D 82 0.45 -2.26 10.15
C LEU D 82 -0.56 -1.12 10.45
N MSE D 83 -0.46 -0.56 11.64
CA MSE D 83 -1.48 0.29 12.27
C MSE D 83 -1.61 1.62 11.57
O MSE D 83 -2.64 2.30 11.70
CB MSE D 83 -1.17 0.55 13.74
CG MSE D 83 -1.43 -0.63 14.64
SE MSE D 83 -3.36 -0.80 14.92
CE MSE D 83 -3.88 -2.38 13.93
N ASP D 84 -0.57 1.99 10.83
CA ASP D 84 -0.58 3.25 10.13
C ASP D 84 -0.82 3.02 8.63
N LYS D 85 -1.39 1.86 8.29
CA LYS D 85 -1.67 1.49 6.90
C LYS D 85 -3.13 1.05 6.76
N LEU D 86 -3.92 1.36 7.80
CA LEU D 86 -5.35 1.12 7.82
C LEU D 86 -6.08 1.93 6.77
N ARG D 87 -7.14 1.32 6.26
CA ARG D 87 -7.81 1.91 5.14
C ARG D 87 -9.28 1.72 5.36
N THR D 88 -10.02 2.82 5.26
CA THR D 88 -11.45 2.85 5.55
C THR D 88 -12.20 3.34 4.34
N VAL D 89 -13.17 2.57 3.90
CA VAL D 89 -14.03 2.96 2.77
C VAL D 89 -15.43 3.18 3.34
N HIS D 90 -15.84 4.46 3.38
CA HIS D 90 -17.18 4.83 3.85
CA HIS D 90 -17.17 4.83 3.85
C HIS D 90 -18.12 4.98 2.65
N THR D 91 -19.21 4.21 2.64
CA THR D 91 -20.37 4.49 1.74
C THR D 91 -21.67 4.55 2.59
N ASP D 92 -22.78 4.94 2.00
CA ASP D 92 -24.06 4.94 2.75
C ASP D 92 -24.43 3.54 3.23
N LYS D 93 -24.19 2.54 2.37
CA LYS D 93 -24.59 1.16 2.59
C LYS D 93 -23.78 0.43 3.67
N LEU D 94 -22.53 0.85 3.85
CA LEU D 94 -21.44 -0.05 4.18
C LEU D 94 -20.14 0.67 4.59
N ILE D 95 -19.58 0.31 5.73
CA ILE D 95 -18.25 0.80 6.11
C ILE D 95 -17.22 -0.32 6.21
N GLU D 96 -16.15 -0.24 5.41
CA GLU D 96 -15.12 -1.30 5.43
C GLU D 96 -13.77 -0.83 5.95
N ILE D 97 -13.20 -1.55 6.90
CA ILE D 97 -11.88 -1.20 7.40
C ILE D 97 -10.93 -2.33 7.06
N SER D 98 -9.86 -2.07 6.31
CA SER D 98 -8.79 -3.08 6.17
C SER D 98 -7.62 -2.79 7.07
N PHE D 99 -7.12 -3.86 7.68
CA PHE D 99 -5.96 -3.82 8.50
C PHE D 99 -4.93 -4.76 7.85
N PRO D 100 -4.00 -4.20 7.04
CA PRO D 100 -2.93 -4.97 6.44
C PRO D 100 -2.06 -5.57 7.55
N THR D 101 -1.40 -6.66 7.23
CA THR D 101 -0.76 -7.50 8.19
C THR D 101 0.56 -7.97 7.60
N THR D 102 1.58 -8.23 8.44
CA THR D 102 2.89 -8.66 7.94
C THR D 102 2.81 -10.05 7.36
N VAL D 103 2.00 -10.89 7.99
CA VAL D 103 1.98 -12.33 7.79
C VAL D 103 0.54 -12.91 7.75
NA NA E . 0.52 -25.48 6.37
NA NA F . 7.74 -20.53 3.42
NA NA G . -0.50 4.32 -22.56
NA NA H . 4.23 3.83 -14.64
NA NA I . 8.04 -2.66 -7.45
C1 EDO J . 18.28 -13.22 -10.91
O1 EDO J . 18.19 -11.78 -11.03
C2 EDO J . 17.37 -13.76 -9.80
O2 EDO J . 15.99 -13.97 -10.16
NA NA K . -9.47 13.60 -20.57
NA NA L . -13.54 12.84 -12.25
#